data_5UVD
#
_entry.id   5UVD
#
_cell.length_a   33.649
_cell.length_b   51.105
_cell.length_c   121.190
_cell.angle_alpha   90.00
_cell.angle_beta   90.00
_cell.angle_gamma   90.00
#
_symmetry.space_group_name_H-M   'P 21 21 21'
#
loop_
_entity.id
_entity.type
_entity.pdbx_description
1 polymer 'Nucleotidyltransferase-like protein'
2 non-polymer 'MAGNESIUM ION'
3 water water
#
_entity_poly.entity_id   1
_entity_poly.type   'polypeptide(L)'
_entity_poly.pdbx_seq_one_letter_code
;AHMAPLSSDELKTVVSVLAQKLDSLNIDYAIMGGAATCLLSGDPNRRTEDVDLVIHVDHRKITADNLTTQLLKSFPSDFE
GVSQFGHTIPAYKLRRPGGTVQLVELEVFDYQSWPQRPQYDLQTATRTTLNINGQKVKLFSPEWILREKILSQYQRQGSR
KEGTDIRDIISMIPLAVPGKPELNFNQSQELQTALANLVQKRPDLSSALKAKIKCSAVFHN
;
_entity_poly.pdbx_strand_id   A
#
# COMPACT_ATOMS: atom_id res chain seq x y z
N ALA A 4 6.91 16.22 -5.59
CA ALA A 4 5.67 16.97 -5.09
C ALA A 4 4.65 15.97 -4.60
N PRO A 5 4.05 16.22 -3.40
CA PRO A 5 2.98 15.28 -3.02
C PRO A 5 1.80 15.54 -3.93
N LEU A 6 1.19 14.46 -4.35
CA LEU A 6 0.05 14.49 -5.20
C LEU A 6 -1.15 14.94 -4.38
N SER A 7 -1.96 15.81 -4.97
CA SER A 7 -3.29 16.07 -4.36
C SER A 7 -4.12 14.80 -4.31
N SER A 8 -5.22 14.79 -3.55
CA SER A 8 -6.14 13.69 -3.61
C SER A 8 -6.71 13.48 -5.02
N ASP A 9 -7.05 14.56 -5.70
CA ASP A 9 -7.54 14.47 -7.08
C ASP A 9 -6.52 13.82 -8.02
N GLU A 10 -5.30 14.27 -7.91
CA GLU A 10 -4.23 13.79 -8.73
C GLU A 10 -3.97 12.29 -8.47
N LEU A 11 -3.86 11.92 -7.21
CA LEU A 11 -3.63 10.52 -6.86
C LEU A 11 -4.71 9.63 -7.48
N LYS A 12 -5.97 10.07 -7.41
CA LYS A 12 -7.03 9.32 -7.96
C LYS A 12 -6.95 9.16 -9.47
N THR A 13 -6.51 10.20 -10.18
CA THR A 13 -6.22 10.07 -11.62
C THR A 13 -5.13 9.03 -11.90
N VAL A 14 -4.04 9.09 -11.12
CA VAL A 14 -2.93 8.14 -11.33
C VAL A 14 -3.39 6.68 -11.12
N VAL A 15 -3.98 6.40 -9.96
CA VAL A 15 -4.39 5.01 -9.69
C VAL A 15 -5.52 4.54 -10.61
N SER A 16 -6.45 5.38 -10.97
CA SER A 16 -7.50 4.91 -11.90
C SER A 16 -6.91 4.53 -13.27
N VAL A 17 -5.90 5.25 -13.75
CA VAL A 17 -5.29 4.89 -15.00
C VAL A 17 -4.46 3.63 -14.84
N LEU A 18 -3.69 3.55 -13.77
CA LEU A 18 -2.92 2.37 -13.56
C LEU A 18 -3.81 1.10 -13.53
N ALA A 19 -4.91 1.22 -12.81
CA ALA A 19 -5.88 0.10 -12.63
C ALA A 19 -6.41 -0.31 -14.01
N GLN A 20 -6.79 0.69 -14.81
CA GLN A 20 -7.24 0.47 -16.21
C GLN A 20 -6.24 -0.29 -17.02
N LYS A 21 -4.97 0.12 -16.94
CA LYS A 21 -3.91 -0.51 -17.75
C LYS A 21 -3.54 -1.93 -17.27
N LEU A 22 -3.40 -2.12 -15.96
CA LEU A 22 -3.17 -3.44 -15.42
C LEU A 22 -4.31 -4.43 -15.71
N ASP A 23 -5.55 -3.98 -15.56
CA ASP A 23 -6.71 -4.75 -15.93
C ASP A 23 -6.67 -5.13 -17.41
N SER A 24 -6.25 -4.19 -18.28
CA SER A 24 -6.23 -4.48 -19.71
C SER A 24 -5.10 -5.50 -20.06
N LEU A 25 -4.04 -5.56 -19.25
CA LEU A 25 -3.00 -6.59 -19.36
C LEU A 25 -3.31 -7.91 -18.63
N ASN A 26 -4.48 -7.97 -18.00
CA ASN A 26 -4.87 -9.04 -17.16
C ASN A 26 -3.86 -9.40 -16.07
N ILE A 27 -3.29 -8.39 -15.45
CA ILE A 27 -2.41 -8.55 -14.32
C ILE A 27 -3.11 -8.16 -13.05
N ASP A 28 -3.19 -9.11 -12.13
CA ASP A 28 -3.79 -8.86 -10.83
C ASP A 28 -2.76 -8.13 -9.95
N TYR A 29 -3.26 -7.23 -9.12
CA TYR A 29 -2.43 -6.35 -8.33
C TYR A 29 -3.15 -5.87 -7.08
N ALA A 30 -2.38 -5.26 -6.17
CA ALA A 30 -3.04 -4.49 -5.08
C ALA A 30 -2.14 -3.37 -4.70
N ILE A 31 -2.70 -2.20 -4.50
CA ILE A 31 -1.95 -1.02 -4.09
C ILE A 31 -1.75 -1.05 -2.54
N MET A 32 -0.55 -0.67 -2.10
CA MET A 32 -0.18 -0.61 -0.70
C MET A 32 0.44 0.76 -0.45
N GLY A 33 1.14 0.87 0.65
CA GLY A 33 1.89 2.10 0.97
C GLY A 33 1.04 3.36 1.05
N GLY A 34 1.70 4.50 0.83
CA GLY A 34 1.09 5.83 0.97
C GLY A 34 -0.13 5.98 0.12
N ALA A 35 -0.09 5.48 -1.13
CA ALA A 35 -1.30 5.56 -1.98
C ALA A 35 -2.53 4.91 -1.34
N ALA A 36 -2.35 3.70 -0.82
CA ALA A 36 -3.49 3.02 -0.16
C ALA A 36 -4.00 3.81 1.00
N THR A 37 -3.06 4.21 1.85
CA THR A 37 -3.39 5.03 3.03
C THR A 37 -4.17 6.28 2.68
N CYS A 38 -3.69 6.99 1.67
CA CYS A 38 -4.32 8.24 1.20
C CYS A 38 -5.68 7.99 0.64
N LEU A 39 -5.82 6.91 -0.15
CA LEU A 39 -7.11 6.58 -0.75
C LEU A 39 -8.17 6.24 0.28
N LEU A 40 -7.75 5.64 1.39
CA LEU A 40 -8.63 5.34 2.49
C LEU A 40 -8.75 6.45 3.53
N SER A 41 -8.04 7.56 3.36
CA SER A 41 -8.15 8.70 4.31
C SER A 41 -9.37 9.61 4.15
N GLY A 42 -9.94 10.02 5.25
CA GLY A 42 -10.96 11.08 5.24
C GLY A 42 -10.37 12.49 5.14
N ASP A 43 -9.04 12.60 5.34
CA ASP A 43 -8.35 13.88 5.39
C ASP A 43 -7.61 14.17 4.08
N PRO A 44 -8.07 15.15 3.31
CA PRO A 44 -7.37 15.49 2.09
C PRO A 44 -5.92 15.96 2.26
N ASN A 45 -5.51 16.34 3.46
CA ASN A 45 -4.14 16.77 3.74
C ASN A 45 -3.17 15.62 3.75
N ARG A 46 -3.66 14.41 3.98
CA ARG A 46 -2.82 13.20 3.85
C ARG A 46 -2.54 12.92 2.36
N ARG A 47 -1.28 13.09 1.97
CA ARG A 47 -0.88 12.98 0.57
C ARG A 47 0.44 12.20 0.42
N THR A 48 0.68 11.73 -0.78
CA THR A 48 1.87 10.91 -1.07
C THR A 48 2.44 11.27 -2.44
N GLU A 49 3.67 10.82 -2.70
CA GLU A 49 4.40 11.23 -3.88
C GLU A 49 4.56 10.14 -4.98
N ASP A 50 4.38 8.88 -4.61
CA ASP A 50 4.47 7.79 -5.60
C ASP A 50 3.41 6.72 -5.32
N VAL A 51 3.42 5.68 -6.12
CA VAL A 51 2.44 4.60 -5.97
C VAL A 51 3.18 3.31 -5.82
N ASP A 52 2.89 2.60 -4.75
CA ASP A 52 3.53 1.30 -4.42
C ASP A 52 2.53 0.20 -4.59
N LEU A 53 2.89 -0.92 -5.26
CA LEU A 53 1.92 -1.95 -5.49
C LEU A 53 2.63 -3.26 -5.62
N VAL A 54 1.84 -4.31 -5.43
CA VAL A 54 2.27 -5.67 -5.59
C VAL A 54 1.50 -6.17 -6.81
N ILE A 55 2.17 -6.89 -7.69
CA ILE A 55 1.52 -7.60 -8.77
C ILE A 55 1.66 -9.11 -8.59
N HIS A 56 0.73 -9.82 -9.21
CA HIS A 56 0.78 -11.31 -9.23
C HIS A 56 1.54 -11.80 -10.47
N VAL A 57 2.53 -12.67 -10.28
CA VAL A 57 3.30 -13.19 -11.40
C VAL A 57 2.76 -14.60 -11.73
N ASP A 58 2.48 -14.82 -12.98
CA ASP A 58 2.02 -16.12 -13.40
C ASP A 58 2.96 -16.67 -14.47
N HIS A 59 2.46 -17.60 -15.27
CA HIS A 59 3.26 -18.28 -16.30
C HIS A 59 3.87 -17.33 -17.33
N ARG A 60 3.29 -16.13 -17.53
CA ARG A 60 3.86 -15.16 -18.45
C ARG A 60 5.17 -14.57 -17.93
N LYS A 61 5.41 -14.73 -16.63
CA LYS A 61 6.63 -14.22 -15.95
C LYS A 61 6.79 -12.68 -16.11
N ILE A 62 5.66 -11.96 -16.07
CA ILE A 62 5.73 -10.51 -16.00
C ILE A 62 5.96 -10.17 -14.52
N THR A 63 7.22 -10.26 -14.13
CA THR A 63 7.67 -9.95 -12.80
C THR A 63 7.54 -8.43 -12.60
N ALA A 64 7.63 -7.97 -11.38
CA ALA A 64 7.59 -6.50 -11.06
C ALA A 64 8.62 -5.77 -11.93
N ASP A 65 9.82 -6.38 -12.11
CA ASP A 65 10.83 -5.76 -12.92
C ASP A 65 10.45 -5.74 -14.39
N ASN A 66 9.92 -6.87 -14.87
CA ASN A 66 9.51 -7.01 -16.25
C ASN A 66 8.30 -6.14 -16.62
N LEU A 67 7.49 -5.80 -15.64
CA LEU A 67 6.34 -4.92 -15.89
C LEU A 67 6.74 -3.57 -16.51
N THR A 68 7.94 -3.08 -16.17
CA THR A 68 8.41 -1.83 -16.66
C THR A 68 8.40 -1.83 -18.17
N THR A 69 9.02 -2.86 -18.77
CA THR A 69 9.05 -2.99 -20.18
C THR A 69 7.71 -3.14 -20.82
N GLN A 70 6.82 -3.93 -20.21
CA GLN A 70 5.53 -4.13 -20.73
C GLN A 70 4.67 -2.85 -20.78
N LEU A 71 4.75 -2.06 -19.72
CA LEU A 71 4.04 -0.76 -19.66
C LEU A 71 4.57 0.22 -20.73
N LEU A 72 5.90 0.28 -20.90
CA LEU A 72 6.52 1.18 -21.87
C LEU A 72 6.19 0.76 -23.30
N LYS A 73 6.09 -0.53 -23.51
CA LYS A 73 5.74 -1.07 -24.80
C LYS A 73 4.24 -0.94 -25.13
N SER A 74 3.37 -1.27 -24.21
CA SER A 74 1.95 -1.28 -24.48
C SER A 74 1.31 0.11 -24.40
N PHE A 75 1.82 0.98 -23.50
CA PHE A 75 1.19 2.26 -23.19
C PHE A 75 2.21 3.40 -23.21
N PRO A 76 2.92 3.56 -24.33
CA PRO A 76 3.98 4.57 -24.46
C PRO A 76 3.50 5.99 -24.20
N SER A 77 2.22 6.30 -24.39
CA SER A 77 1.67 7.63 -24.02
C SER A 77 1.55 7.88 -22.55
N ASP A 78 1.47 6.83 -21.76
CA ASP A 78 1.18 6.95 -20.35
C ASP A 78 2.28 6.67 -19.41
N PHE A 79 3.39 6.05 -19.89
CA PHE A 79 4.43 5.65 -18.97
C PHE A 79 5.76 5.94 -19.60
N GLU A 80 6.71 6.29 -18.77
CA GLU A 80 8.09 6.46 -19.23
C GLU A 80 9.06 5.93 -18.18
N GLY A 81 10.23 5.50 -18.65
CA GLY A 81 11.22 4.93 -17.79
C GLY A 81 11.97 5.99 -17.07
N VAL A 82 12.16 5.76 -15.77
CA VAL A 82 12.93 6.64 -14.90
C VAL A 82 14.02 5.80 -14.27
N SER A 83 15.23 6.33 -14.32
CA SER A 83 16.39 5.70 -13.71
C SER A 83 17.14 6.67 -12.80
N GLN A 84 17.09 6.45 -11.49
CA GLN A 84 17.81 7.29 -10.51
C GLN A 84 19.13 6.67 -10.00
N PHE A 85 19.20 5.34 -9.96
CA PHE A 85 20.35 4.61 -9.40
C PHE A 85 20.75 3.46 -10.35
N GLY A 86 20.62 3.69 -11.63
CA GLY A 86 21.02 2.72 -12.67
C GLY A 86 20.03 1.57 -12.89
N HIS A 87 18.82 1.72 -12.35
CA HIS A 87 17.69 0.81 -12.37
C HIS A 87 16.43 1.55 -12.83
N THR A 88 16.01 1.12 -14.00
CA THR A 88 14.89 1.72 -14.69
C THR A 88 13.57 1.14 -14.15
N ILE A 89 12.71 2.04 -13.69
CA ILE A 89 11.37 1.77 -13.20
C ILE A 89 10.35 2.62 -14.01
N PRO A 90 9.05 2.26 -13.96
CA PRO A 90 8.05 2.94 -14.74
C PRO A 90 7.46 4.13 -13.92
N ALA A 91 7.20 5.23 -14.62
CA ALA A 91 6.56 6.42 -14.08
C ALA A 91 5.37 6.72 -14.97
N TYR A 92 4.24 7.02 -14.32
CA TYR A 92 3.09 7.49 -15.01
C TYR A 92 3.26 8.97 -15.36
N LYS A 93 2.80 9.28 -16.56
CA LYS A 93 2.86 10.61 -17.09
C LYS A 93 1.55 11.37 -16.76
N LEU A 94 1.53 11.99 -15.59
CA LEU A 94 0.37 12.74 -15.11
C LEU A 94 0.39 14.05 -15.82
N ARG A 95 -0.68 14.33 -16.59
CA ARG A 95 -0.85 15.63 -17.21
C ARG A 95 -1.46 16.64 -16.29
N ARG A 96 -0.74 17.74 -16.12
CA ARG A 96 -1.31 18.89 -15.42
C ARG A 96 -2.33 19.62 -16.35
N PRO A 97 -3.20 20.50 -15.76
CA PRO A 97 -4.15 21.26 -16.52
C PRO A 97 -3.53 22.07 -17.64
N GLY A 98 -2.36 22.63 -17.43
CA GLY A 98 -1.76 23.42 -18.47
C GLY A 98 -1.03 22.62 -19.55
N GLY A 99 -0.99 21.30 -19.40
CA GLY A 99 -0.52 20.40 -20.46
C GLY A 99 0.81 19.67 -20.19
N THR A 100 1.59 20.14 -19.23
CA THR A 100 2.89 19.53 -18.96
C THR A 100 2.81 18.26 -18.12
N VAL A 101 3.85 17.45 -18.28
CA VAL A 101 3.93 16.13 -17.66
C VAL A 101 4.61 16.21 -16.29
N GLN A 102 3.94 15.69 -15.29
CA GLN A 102 4.51 15.40 -13.98
C GLN A 102 4.69 13.87 -13.83
N LEU A 103 5.94 13.41 -13.70
CA LEU A 103 6.20 11.97 -13.55
C LEU A 103 5.83 11.49 -12.21
N VAL A 104 5.14 10.35 -12.13
CA VAL A 104 4.77 9.79 -10.85
C VAL A 104 5.34 8.35 -10.82
N GLU A 105 6.33 8.11 -9.97
CA GLU A 105 7.05 6.79 -9.93
C GLU A 105 6.13 5.68 -9.36
N LEU A 106 6.30 4.52 -9.96
CA LEU A 106 5.64 3.32 -9.54
C LEU A 106 6.67 2.38 -8.94
N GLU A 107 6.46 2.03 -7.67
CA GLU A 107 7.35 1.13 -6.92
C GLU A 107 6.59 -0.24 -6.88
N VAL A 108 7.08 -1.21 -7.66
CA VAL A 108 6.31 -2.40 -7.94
C VAL A 108 7.05 -3.59 -7.33
N PHE A 109 6.31 -4.50 -6.66
CA PHE A 109 6.85 -5.61 -5.92
C PHE A 109 6.13 -6.86 -6.36
N ASP A 110 6.80 -8.00 -6.23
CA ASP A 110 6.08 -9.25 -6.37
C ASP A 110 6.55 -10.27 -5.32
N TYR A 111 5.68 -11.22 -4.99
CA TYR A 111 5.98 -12.22 -3.98
C TYR A 111 7.16 -13.14 -4.41
N GLN A 112 7.24 -13.45 -5.69
CA GLN A 112 8.23 -14.42 -6.12
C GLN A 112 9.55 -13.85 -5.80
N SER A 113 9.72 -12.56 -6.06
CA SER A 113 11.01 -11.85 -5.75
C SER A 113 11.21 -11.54 -4.27
N TRP A 114 10.16 -11.53 -3.45
CA TRP A 114 10.25 -11.29 -1.97
C TRP A 114 9.57 -12.40 -1.13
N PRO A 115 10.08 -13.64 -1.21
CA PRO A 115 9.56 -14.79 -0.48
C PRO A 115 9.47 -14.56 1.03
N GLN A 116 10.31 -13.69 1.57
CA GLN A 116 10.29 -13.30 2.96
C GLN A 116 9.22 -12.31 3.32
N ARG A 117 8.43 -11.87 2.32
CA ARG A 117 7.24 -10.97 2.54
C ARG A 117 5.97 -11.71 2.11
N PRO A 118 5.52 -12.70 2.89
CA PRO A 118 4.31 -13.43 2.50
C PRO A 118 3.02 -12.53 2.48
N GLN A 119 3.14 -11.32 3.01
CA GLN A 119 2.06 -10.31 2.88
C GLN A 119 1.79 -9.93 1.42
N TYR A 120 2.73 -10.21 0.54
CA TYR A 120 2.56 -9.94 -0.90
C TYR A 120 1.85 -11.05 -1.65
N ASP A 121 1.44 -12.10 -0.95
CA ASP A 121 0.79 -13.21 -1.63
C ASP A 121 -0.65 -12.75 -1.93
N LEU A 122 -0.91 -12.41 -3.19
CA LEU A 122 -2.21 -11.87 -3.57
C LEU A 122 -3.34 -12.92 -3.53
N GLN A 123 -3.01 -14.19 -3.53
CA GLN A 123 -3.99 -15.25 -3.46
C GLN A 123 -4.60 -15.35 -2.05
N THR A 124 -3.86 -14.97 -1.00
CA THR A 124 -4.37 -15.08 0.37
C THR A 124 -4.50 -13.76 1.14
N ALA A 125 -3.86 -12.66 0.69
CA ALA A 125 -3.92 -11.46 1.48
C ALA A 125 -5.34 -10.94 1.52
N THR A 126 -5.68 -10.36 2.63
CA THR A 126 -7.01 -9.69 2.72
C THR A 126 -6.95 -8.38 1.91
N ARG A 127 -7.88 -8.21 0.98
CA ARG A 127 -7.87 -7.15 0.03
C ARG A 127 -9.24 -6.48 -0.08
N THR A 128 -9.25 -5.32 -0.73
CA THR A 128 -10.45 -4.56 -0.95
C THR A 128 -10.39 -3.83 -2.34
N THR A 129 -11.47 -3.18 -2.72
CA THR A 129 -11.51 -2.38 -3.93
C THR A 129 -12.13 -1.05 -3.64
N LEU A 130 -11.72 -0.07 -4.44
CA LEU A 130 -12.39 1.23 -4.46
C LEU A 130 -12.89 1.45 -5.88
N ASN A 131 -13.98 2.19 -6.01
CA ASN A 131 -14.52 2.53 -7.29
C ASN A 131 -14.33 4.04 -7.51
N ILE A 132 -13.36 4.39 -8.32
CA ILE A 132 -13.02 5.80 -8.67
C ILE A 132 -13.68 6.14 -10.03
N ASN A 133 -14.81 6.84 -9.92
CA ASN A 133 -15.64 7.28 -11.07
C ASN A 133 -15.85 6.18 -12.08
N GLY A 134 -16.22 4.99 -11.58
CA GLY A 134 -16.47 3.85 -12.37
C GLY A 134 -15.35 2.87 -12.49
N GLN A 135 -14.10 3.26 -12.17
CA GLN A 135 -12.96 2.35 -12.31
C GLN A 135 -12.70 1.60 -11.02
N LYS A 136 -12.74 0.27 -11.09
CA LYS A 136 -12.29 -0.55 -9.97
C LYS A 136 -10.80 -0.44 -9.70
N VAL A 137 -10.43 -0.13 -8.47
CA VAL A 137 -9.01 0.02 -8.10
C VAL A 137 -8.74 -0.93 -6.93
N LYS A 138 -7.77 -1.81 -7.08
CA LYS A 138 -7.53 -2.85 -6.12
C LYS A 138 -6.51 -2.37 -5.10
N LEU A 139 -6.86 -2.58 -3.82
CA LEU A 139 -5.99 -2.24 -2.67
C LEU A 139 -5.90 -3.37 -1.68
N PHE A 140 -4.81 -3.40 -0.95
CA PHE A 140 -4.78 -4.23 0.27
C PHE A 140 -5.83 -3.71 1.26
N SER A 141 -6.35 -4.55 2.09
CA SER A 141 -7.39 -4.12 3.05
C SER A 141 -6.85 -3.29 4.21
N PRO A 142 -7.74 -2.54 4.87
CA PRO A 142 -7.36 -1.80 6.10
C PRO A 142 -6.72 -2.67 7.16
N GLU A 143 -7.11 -3.95 7.22
CA GLU A 143 -6.52 -4.88 8.19
C GLU A 143 -5.08 -5.17 7.84
N TRP A 144 -4.84 -5.38 6.54
CA TRP A 144 -3.52 -5.66 5.99
C TRP A 144 -2.61 -4.46 6.23
N ILE A 145 -3.17 -3.28 5.97
CA ILE A 145 -2.43 -2.04 6.17
C ILE A 145 -2.05 -1.80 7.63
N LEU A 146 -2.98 -2.04 8.52
CA LEU A 146 -2.79 -1.82 9.96
C LEU A 146 -1.70 -2.72 10.47
N ARG A 147 -1.62 -3.93 9.95
CA ARG A 147 -0.54 -4.83 10.36
C ARG A 147 0.79 -4.24 9.98
N GLU A 148 0.89 -3.82 8.71
CA GLU A 148 2.11 -3.18 8.22
C GLU A 148 2.49 -1.93 9.02
N LYS A 149 1.51 -1.10 9.28
CA LYS A 149 1.75 0.14 10.02
C LYS A 149 2.18 -0.11 11.46
N ILE A 150 1.55 -1.06 12.17
CA ILE A 150 1.94 -1.37 13.61
C ILE A 150 3.42 -1.77 13.65
N LEU A 151 3.84 -2.58 12.67
CA LEU A 151 5.25 -2.95 12.59
C LEU A 151 6.13 -1.73 12.29
N SER A 152 5.74 -0.97 11.27
CA SER A 152 6.44 0.23 10.85
C SER A 152 6.66 1.28 11.98
N GLN A 153 5.69 1.48 12.86
CA GLN A 153 5.76 2.54 13.86
C GLN A 153 6.83 2.23 14.89
N TYR A 154 7.04 0.93 15.10
CA TYR A 154 8.04 0.41 16.00
C TYR A 154 9.43 0.45 15.32
N GLN A 155 9.50 -0.08 14.09
CA GLN A 155 10.77 -0.07 13.36
C GLN A 155 11.23 1.36 13.02
N ARG A 156 10.34 2.31 12.88
CA ARG A 156 10.71 3.67 12.58
C ARG A 156 10.57 4.62 13.73
N GLN A 157 10.51 4.04 14.94
CA GLN A 157 10.37 4.83 16.14
C GLN A 157 11.56 5.75 16.22
N GLY A 158 11.34 7.01 16.54
CA GLY A 158 12.43 7.97 16.66
C GLY A 158 12.82 8.60 15.35
N SER A 159 12.28 8.09 14.24
CA SER A 159 12.45 8.72 12.94
C SER A 159 11.49 9.85 12.73
N ARG A 160 11.76 10.61 11.66
CA ARG A 160 10.92 11.75 11.36
C ARG A 160 9.48 11.32 11.01
N LYS A 161 9.33 10.08 10.57
CA LYS A 161 8.01 9.59 10.16
C LYS A 161 7.09 8.98 11.20
N GLU A 162 7.58 8.80 12.43
CA GLU A 162 6.85 8.10 13.46
C GLU A 162 5.43 8.61 13.66
N GLY A 163 5.30 9.91 13.85
CA GLY A 163 4.05 10.60 13.97
C GLY A 163 3.04 10.35 12.82
N THR A 164 3.52 10.33 11.57
CA THR A 164 2.63 10.10 10.44
C THR A 164 2.13 8.66 10.52
N ASP A 165 3.03 7.79 10.86
CA ASP A 165 2.61 6.40 11.03
C ASP A 165 1.51 6.11 11.99
N ILE A 166 1.71 6.69 13.18
CA ILE A 166 0.72 6.62 14.21
C ILE A 166 -0.60 7.26 13.78
N ARG A 167 -0.52 8.38 13.08
CA ARG A 167 -1.73 9.02 12.51
C ARG A 167 -2.44 8.09 11.52
N ASP A 168 -1.64 7.37 10.74
CA ASP A 168 -2.17 6.42 9.77
C ASP A 168 -2.87 5.22 10.48
N ILE A 169 -2.24 4.73 11.55
CA ILE A 169 -2.86 3.70 12.44
C ILE A 169 -4.22 4.14 12.91
N ILE A 170 -4.27 5.33 13.48
CA ILE A 170 -5.50 5.90 14.03
C ILE A 170 -6.60 6.03 12.97
N SER A 171 -6.23 6.43 11.74
CA SER A 171 -7.12 6.45 10.57
C SER A 171 -7.64 5.08 10.17
N MET A 172 -6.81 4.06 10.27
CA MET A 172 -7.21 2.74 9.84
C MET A 172 -8.01 1.96 10.82
N ILE A 173 -7.72 2.08 12.13
CA ILE A 173 -8.38 1.24 13.11
C ILE A 173 -9.89 1.16 12.87
N PRO A 174 -10.57 2.30 12.67
CA PRO A 174 -12.05 2.19 12.57
C PRO A 174 -12.51 1.56 11.27
N LEU A 175 -11.64 1.53 10.27
CA LEU A 175 -12.03 0.86 9.02
C LEU A 175 -11.82 -0.64 9.10
N ALA A 176 -11.09 -1.13 10.10
CA ALA A 176 -10.84 -2.56 10.21
C ALA A 176 -12.08 -3.32 10.74
N VAL A 177 -12.20 -4.56 10.31
CA VAL A 177 -13.10 -5.49 11.00
C VAL A 177 -12.27 -6.61 11.67
N PRO A 178 -12.79 -7.18 12.78
CA PRO A 178 -12.10 -8.29 13.45
C PRO A 178 -12.08 -9.57 12.65
N GLY A 179 -11.15 -10.42 12.98
CA GLY A 179 -11.13 -11.74 12.44
C GLY A 179 -10.28 -11.97 11.21
N LYS A 180 -9.55 -10.95 10.70
CA LYS A 180 -8.72 -11.19 9.52
C LYS A 180 -7.37 -11.70 9.90
N PRO A 181 -6.77 -12.55 9.05
CA PRO A 181 -5.50 -13.17 9.49
C PRO A 181 -4.42 -12.20 9.79
N GLU A 182 -4.40 -11.08 9.02
CA GLU A 182 -3.32 -10.11 9.15
C GLU A 182 -3.31 -9.49 10.57
N LEU A 183 -4.44 -9.47 11.26
CA LEU A 183 -4.53 -8.87 12.60
C LEU A 183 -4.57 -9.91 13.71
N ASN A 184 -4.17 -11.14 13.38
CA ASN A 184 -3.94 -12.14 14.37
C ASN A 184 -2.42 -12.25 14.50
N PHE A 185 -1.89 -11.87 15.65
CA PHE A 185 -0.45 -11.73 15.88
C PHE A 185 0.13 -12.91 16.66
N ASN A 186 -0.68 -13.96 16.86
CA ASN A 186 -0.26 -15.04 17.78
C ASN A 186 0.92 -15.86 17.30
N GLN A 187 1.13 -15.84 15.99
CA GLN A 187 2.29 -16.50 15.40
C GLN A 187 3.40 -15.59 14.95
N SER A 188 3.36 -14.31 15.33
CA SER A 188 4.43 -13.36 14.94
C SER A 188 5.02 -12.65 16.17
N GLN A 189 6.21 -13.06 16.60
CA GLN A 189 6.89 -12.36 17.71
C GLN A 189 7.09 -10.91 17.32
N GLU A 190 7.46 -10.66 16.07
CA GLU A 190 7.74 -9.31 15.68
C GLU A 190 6.53 -8.36 15.79
N LEU A 191 5.32 -8.82 15.43
CA LEU A 191 4.12 -7.99 15.62
C LEU A 191 3.67 -7.91 17.06
N GLN A 192 3.83 -8.99 17.81
CA GLN A 192 3.58 -8.90 19.28
C GLN A 192 4.42 -7.82 19.89
N THR A 193 5.70 -7.79 19.53
CA THR A 193 6.56 -6.77 20.14
C THR A 193 6.22 -5.35 19.69
N ALA A 194 5.94 -5.20 18.39
CA ALA A 194 5.56 -3.94 17.81
C ALA A 194 4.27 -3.44 18.44
N LEU A 195 3.31 -4.35 18.67
CA LEU A 195 2.07 -3.96 19.28
C LEU A 195 2.22 -3.54 20.74
N ALA A 196 2.96 -4.33 21.53
CA ALA A 196 3.28 -3.94 22.91
C ALA A 196 3.87 -2.48 22.94
N ASN A 197 4.75 -2.17 21.98
CA ASN A 197 5.41 -0.88 21.93
C ASN A 197 4.37 0.21 21.66
N LEU A 198 3.46 -0.04 20.72
CA LEU A 198 2.37 0.91 20.41
C LEU A 198 1.45 1.19 21.57
N VAL A 199 0.97 0.15 22.23
CA VAL A 199 0.04 0.40 23.34
C VAL A 199 0.77 0.97 24.57
N GLN A 200 2.10 0.79 24.68
CA GLN A 200 2.84 1.41 25.79
C GLN A 200 2.86 2.92 25.53
N LYS A 201 3.17 3.32 24.29
CA LYS A 201 3.16 4.73 23.86
C LYS A 201 1.80 5.43 23.82
N ARG A 202 0.80 4.70 23.39
CA ARG A 202 -0.54 5.20 23.21
C ARG A 202 -1.55 4.28 23.87
N PRO A 203 -1.53 4.25 25.23
CA PRO A 203 -2.51 3.40 25.91
C PRO A 203 -3.95 3.76 25.61
N ASP A 204 -4.20 5.03 25.27
CA ASP A 204 -5.51 5.55 24.81
C ASP A 204 -6.15 4.82 23.55
N LEU A 205 -5.29 4.18 22.76
CA LEU A 205 -5.67 3.35 21.61
C LEU A 205 -5.87 1.87 21.89
N SER A 206 -5.56 1.44 23.11
CA SER A 206 -5.56 0.03 23.43
C SER A 206 -6.91 -0.65 23.23
N SER A 207 -8.00 -0.02 23.69
CA SER A 207 -9.30 -0.71 23.55
C SER A 207 -9.74 -0.74 22.05
N ALA A 208 -9.40 0.27 21.28
CA ALA A 208 -9.79 0.30 19.87
C ALA A 208 -9.02 -0.75 19.09
N LEU A 209 -7.76 -0.96 19.45
CA LEU A 209 -6.94 -1.97 18.78
C LEU A 209 -7.38 -3.36 19.17
N LYS A 210 -7.63 -3.52 20.46
CA LYS A 210 -8.06 -4.82 20.96
C LYS A 210 -9.34 -5.35 20.29
N ALA A 211 -10.24 -4.45 19.97
CA ALA A 211 -11.47 -4.82 19.25
C ALA A 211 -11.24 -5.44 17.87
N LYS A 212 -10.05 -5.19 17.28
CA LYS A 212 -9.79 -5.59 15.93
C LYS A 212 -8.72 -6.61 15.82
N ILE A 213 -7.86 -6.73 16.84
CA ILE A 213 -6.71 -7.54 16.81
C ILE A 213 -6.77 -8.69 17.81
N LYS A 214 -6.38 -9.87 17.37
CA LYS A 214 -6.21 -11.04 18.26
C LYS A 214 -4.75 -11.18 18.60
N CYS A 215 -4.41 -11.00 19.88
CA CYS A 215 -3.02 -11.12 20.31
C CYS A 215 -3.01 -11.43 21.81
N SER A 216 -2.89 -12.69 22.13
CA SER A 216 -2.95 -13.11 23.50
C SER A 216 -1.80 -12.55 24.35
N ALA A 217 -0.61 -12.40 23.77
CA ALA A 217 0.53 -11.85 24.46
C ALA A 217 0.29 -10.45 25.01
N VAL A 218 -0.33 -9.60 24.21
CA VAL A 218 -0.60 -8.23 24.61
C VAL A 218 -1.99 -8.02 25.18
N PHE A 219 -3.00 -8.65 24.62
CA PHE A 219 -4.36 -8.31 25.00
C PHE A 219 -5.05 -9.46 25.73
N HIS A 220 -4.39 -10.62 25.85
CA HIS A 220 -4.99 -11.81 26.47
C HIS A 220 -6.35 -12.18 25.84
N ASN A 221 -6.46 -12.06 24.51
CA ASN A 221 -7.69 -12.34 23.81
C ASN A 221 -7.41 -13.33 22.70
#